data_8WL5
#
_entry.id   8WL5
#
_cell.length_a   81.960
_cell.length_b   82.430
_cell.length_c   47.920
_cell.angle_alpha   90.00
_cell.angle_beta   90.00
_cell.angle_gamma   90.00
#
_symmetry.space_group_name_H-M   'P 21 21 2'
#
loop_
_entity.id
_entity.type
_entity.pdbx_description
1 polymer 'Allose ABC transporter'
2 non-polymer 1,2-ETHANEDIOL
3 water water
#
_entity_poly.entity_id   1
_entity_poly.type   'polypeptide(L)'
_entity_poly.pdbx_seq_one_letter_code
;MGSSHHHHHHSSGLVPRGSHMAAEYAVVLKTLSNPFWVDMKKGIEDEAKTLGVSVDIFASPSEGDFQSQLQLFEDLSNKK
YKGIAFAPLSSVNLVMPVARAWQKGLYLVNLDEKIDMDNLKKAGGNVEGFVTTDNVAVGAKGADFIINKLGAEGGEVAII
EGKAGNASGEARRNGATEAFKKANQIKLVASQPADWDRIKALDVATNVLQRNPNLKAFYCANDTMAMGVAQAVANAGKIG
KVLVVGTDGIPEARKMVEAGQMTATVAQNPADIGATGLKLMVDAAKTGKVIPLEKTPEFKLVDSILVTK
;
_entity_poly.pdbx_strand_id   A
#
loop_
_chem_comp.id
_chem_comp.type
_chem_comp.name
_chem_comp.formula
EDO non-polymer 1,2-ETHANEDIOL 'C2 H6 O2'
#
# COMPACT_ATOMS: atom_id res chain seq x y z
N HIS A 20 -7.91 30.36 -4.23
CA HIS A 20 -8.92 30.42 -3.11
C HIS A 20 -8.23 30.75 -1.78
N MET A 21 -9.03 30.93 -0.71
CA MET A 21 -8.55 30.99 0.69
C MET A 21 -8.20 29.57 1.18
N ALA A 22 -7.05 29.43 1.85
CA ALA A 22 -6.51 28.16 2.38
C ALA A 22 -7.55 27.51 3.31
N ALA A 23 -7.73 26.20 3.18
CA ALA A 23 -8.50 25.34 4.11
C ALA A 23 -7.79 25.29 5.47
N GLU A 24 -8.42 24.65 6.46
CA GLU A 24 -7.84 24.49 7.83
C GLU A 24 -6.68 23.51 7.75
N TYR A 25 -6.84 22.44 6.98
CA TYR A 25 -5.87 21.32 6.88
C TYR A 25 -5.33 21.20 5.46
N ALA A 26 -4.13 20.65 5.35
CA ALA A 26 -3.53 20.26 4.04
C ALA A 26 -3.15 18.79 4.05
N VAL A 27 -3.24 18.18 2.87
CA VAL A 27 -2.73 16.80 2.60
C VAL A 27 -1.73 16.87 1.42
N VAL A 28 -0.55 16.27 1.64
CA VAL A 28 0.50 16.03 0.61
C VAL A 28 0.47 14.54 0.25
N LEU A 29 -0.01 14.22 -0.95
CA LEU A 29 0.02 12.81 -1.45
C LEU A 29 1.33 12.59 -2.21
N LYS A 30 1.69 11.32 -2.45
CA LYS A 30 2.88 10.96 -3.27
C LYS A 30 2.66 11.52 -4.67
N THR A 31 1.51 11.19 -5.25
CA THR A 31 1.16 11.48 -6.65
C THR A 31 -0.36 11.45 -6.75
N LEU A 32 -0.93 11.90 -7.89
CA LEU A 32 -2.35 11.69 -8.23
C LEU A 32 -2.44 11.01 -9.59
N SER A 33 -1.45 10.17 -9.89
CA SER A 33 -1.18 9.61 -11.24
C SER A 33 -1.91 8.29 -11.47
N ASN A 34 -2.63 7.75 -10.48
CA ASN A 34 -3.28 6.42 -10.61
C ASN A 34 -4.45 6.30 -9.64
N PRO A 35 -5.37 5.32 -9.85
CA PRO A 35 -6.61 5.26 -9.08
C PRO A 35 -6.41 5.15 -7.54
N PHE A 36 -5.39 4.44 -7.08
CA PHE A 36 -5.09 4.32 -5.62
C PHE A 36 -5.06 5.73 -5.01
N TRP A 37 -4.33 6.67 -5.62
CA TRP A 37 -4.13 8.03 -5.06
C TRP A 37 -5.37 8.89 -5.31
N VAL A 38 -6.03 8.76 -6.45
CA VAL A 38 -7.34 9.43 -6.73
C VAL A 38 -8.35 8.99 -5.66
N ASP A 39 -8.39 7.68 -5.35
CA ASP A 39 -9.31 7.09 -4.34
C ASP A 39 -8.99 7.64 -2.95
N MET A 40 -7.71 7.81 -2.60
CA MET A 40 -7.34 8.37 -1.27
C MET A 40 -7.81 9.83 -1.17
N LYS A 41 -7.64 10.60 -2.25
CA LYS A 41 -8.11 12.01 -2.32
C LYS A 41 -9.63 12.04 -2.11
N LYS A 42 -10.38 11.13 -2.74
CA LYS A 42 -11.86 11.03 -2.63
C LYS A 42 -12.25 10.69 -1.17
N GLY A 43 -11.59 9.68 -0.57
CA GLY A 43 -11.72 9.32 0.84
C GLY A 43 -11.56 10.53 1.76
N ILE A 44 -10.52 11.34 1.53
CA ILE A 44 -10.22 12.52 2.39
C ILE A 44 -11.35 13.55 2.23
N GLU A 45 -11.79 13.82 1.00
CA GLU A 45 -12.89 14.80 0.73
C GLU A 45 -14.18 14.35 1.43
N ASP A 46 -14.53 13.07 1.31
CA ASP A 46 -15.76 12.48 1.88
C ASP A 46 -15.70 12.60 3.41
N GLU A 47 -14.54 12.35 4.00
CA GLU A 47 -14.37 12.42 5.47
C GLU A 47 -14.42 13.90 5.91
N ALA A 48 -13.82 14.80 5.13
CA ALA A 48 -13.78 16.25 5.44
C ALA A 48 -15.21 16.80 5.52
N LYS A 49 -16.08 16.36 4.60
CA LYS A 49 -17.50 16.78 4.57
C LYS A 49 -18.21 16.27 5.83
N THR A 50 -17.99 15.00 6.20
CA THR A 50 -18.58 14.37 7.42
C THR A 50 -18.14 15.12 8.67
N LEU A 51 -16.87 15.48 8.75
CA LEU A 51 -16.26 16.11 9.97
C LEU A 51 -16.60 17.61 9.99
N GLY A 52 -17.02 18.17 8.86
CA GLY A 52 -17.27 19.61 8.70
C GLY A 52 -15.97 20.42 8.79
N VAL A 53 -14.88 19.92 8.23
CA VAL A 53 -13.59 20.65 8.13
C VAL A 53 -13.26 20.81 6.65
N SER A 54 -12.45 21.82 6.34
CA SER A 54 -11.91 22.15 5.01
C SER A 54 -10.50 21.55 4.87
N VAL A 55 -10.22 20.96 3.70
CA VAL A 55 -8.92 20.31 3.43
C VAL A 55 -8.48 20.70 2.01
N ASP A 56 -7.24 21.15 1.89
CA ASP A 56 -6.53 21.35 0.61
C ASP A 56 -5.64 20.13 0.36
N ILE A 57 -5.87 19.43 -0.75
CA ILE A 57 -5.19 18.14 -1.09
C ILE A 57 -4.25 18.39 -2.27
N PHE A 58 -2.97 18.07 -2.09
CA PHE A 58 -1.88 18.30 -3.08
C PHE A 58 -1.17 16.96 -3.36
N ALA A 59 -0.62 16.81 -4.57
CA ALA A 59 0.37 15.79 -4.95
C ALA A 59 1.75 16.45 -5.10
N SER A 60 2.84 15.68 -5.00
CA SER A 60 4.19 16.13 -5.42
C SER A 60 4.05 16.83 -6.77
N PRO A 61 4.35 18.15 -6.86
CA PRO A 61 4.01 18.91 -8.07
C PRO A 61 4.64 18.30 -9.33
N SER A 62 5.86 17.78 -9.19
CA SER A 62 6.58 17.00 -10.23
C SER A 62 6.65 15.53 -9.80
N GLU A 63 6.03 14.66 -10.59
CA GLU A 63 5.90 13.22 -10.27
C GLU A 63 7.27 12.63 -9.97
N GLY A 64 7.42 11.99 -8.82
CA GLY A 64 8.61 11.20 -8.47
C GLY A 64 9.69 12.06 -7.86
N ASP A 65 9.47 13.37 -7.87
CA ASP A 65 10.55 14.35 -7.60
C ASP A 65 10.57 14.64 -6.09
N PHE A 66 11.52 14.02 -5.38
CA PHE A 66 11.70 14.14 -3.91
C PHE A 66 11.74 15.63 -3.52
N GLN A 67 12.59 16.41 -4.20
CA GLN A 67 12.79 17.85 -3.91
C GLN A 67 11.47 18.60 -4.16
N SER A 68 10.76 18.27 -5.25
CA SER A 68 9.44 18.86 -5.61
C SER A 68 8.50 18.73 -4.41
N GLN A 69 8.43 17.54 -3.83
CA GLN A 69 7.51 17.25 -2.70
C GLN A 69 8.01 17.94 -1.43
N LEU A 70 9.31 17.94 -1.17
CA LEU A 70 9.89 18.68 -0.02
C LEU A 70 9.51 20.17 -0.12
N GLN A 71 9.66 20.76 -1.30
CA GLN A 71 9.39 22.21 -1.52
C GLN A 71 7.90 22.50 -1.27
N LEU A 72 7.01 21.65 -1.76
CA LEU A 72 5.55 21.81 -1.54
C LEU A 72 5.25 21.75 -0.04
N PHE A 73 5.79 20.77 0.69
CA PHE A 73 5.54 20.60 2.14
C PHE A 73 5.98 21.89 2.86
N GLU A 74 7.18 22.38 2.56
CA GLU A 74 7.73 23.66 3.12
C GLU A 74 6.76 24.82 2.84
N ASP A 75 6.34 24.99 1.59
CA ASP A 75 5.38 26.07 1.19
C ASP A 75 4.10 25.96 2.04
N LEU A 76 3.57 24.75 2.24
CA LEU A 76 2.30 24.55 2.99
C LEU A 76 2.51 24.88 4.47
N SER A 77 3.64 24.48 5.06
CA SER A 77 3.88 24.69 6.52
C SER A 77 4.23 26.14 6.78
N ASN A 78 4.41 26.95 5.73
CA ASN A 78 4.65 28.40 5.84
C ASN A 78 3.33 29.16 5.67
N LYS A 79 2.24 28.44 5.37
CA LYS A 79 0.89 29.02 5.31
C LYS A 79 0.16 28.73 6.63
N LYS A 80 -1.16 28.87 6.59
CA LYS A 80 -2.00 29.04 7.79
C LYS A 80 -2.59 27.69 8.21
N TYR A 81 -2.01 26.56 7.80
CA TYR A 81 -2.61 25.21 8.03
C TYR A 81 -2.43 24.77 9.49
N LYS A 82 -3.52 24.31 10.12
CA LYS A 82 -3.56 23.75 11.49
C LYS A 82 -2.76 22.46 11.51
N GLY A 83 -2.86 21.70 10.42
CA GLY A 83 -2.28 20.35 10.30
C GLY A 83 -1.97 20.01 8.86
N ILE A 84 -1.04 19.06 8.67
CA ILE A 84 -0.74 18.43 7.35
C ILE A 84 -0.67 16.92 7.55
N ALA A 85 -1.42 16.18 6.74
CA ALA A 85 -1.25 14.73 6.53
C ALA A 85 -0.40 14.55 5.28
N PHE A 86 0.57 13.63 5.32
CA PHE A 86 1.58 13.49 4.24
C PHE A 86 1.88 12.01 3.98
N ALA A 87 1.96 11.67 2.69
CA ALA A 87 2.49 10.38 2.17
C ALA A 87 3.81 10.64 1.46
N PRO A 88 4.97 10.44 2.14
CA PRO A 88 6.27 10.85 1.59
C PRO A 88 6.69 9.95 0.41
N LEU A 89 7.42 10.53 -0.54
CA LEU A 89 7.99 9.77 -1.69
C LEU A 89 9.06 8.80 -1.22
N SER A 90 9.79 9.12 -0.14
CA SER A 90 10.77 8.19 0.47
C SER A 90 10.72 8.33 2.00
N SER A 91 11.32 7.40 2.72
CA SER A 91 11.31 7.41 4.19
C SER A 91 11.99 8.70 4.69
N VAL A 92 12.89 9.29 3.89
CA VAL A 92 13.74 10.40 4.39
C VAL A 92 13.36 11.73 3.74
N ASN A 93 12.69 11.77 2.59
CA ASN A 93 12.67 13.02 1.78
C ASN A 93 12.01 14.17 2.56
N LEU A 94 11.08 13.89 3.47
CA LEU A 94 10.30 14.99 4.15
C LEU A 94 10.72 15.14 5.60
N VAL A 95 11.75 14.41 6.04
CA VAL A 95 12.15 14.40 7.47
C VAL A 95 12.31 15.84 7.97
N MET A 96 13.10 16.68 7.28
CA MET A 96 13.46 18.01 7.80
C MET A 96 12.23 18.92 7.86
N PRO A 97 11.37 19.05 6.82
CA PRO A 97 10.23 19.97 6.93
C PRO A 97 9.13 19.45 7.86
N VAL A 98 9.02 18.12 8.03
CA VAL A 98 8.10 17.50 9.03
C VAL A 98 8.61 17.82 10.43
N ALA A 99 9.92 17.74 10.66
CA ALA A 99 10.49 18.11 11.98
C ALA A 99 10.23 19.60 12.26
N ARG A 100 10.38 20.47 11.26
CA ARG A 100 10.19 21.93 11.45
C ARG A 100 8.70 22.20 11.69
N ALA A 101 7.80 21.51 10.99
CA ALA A 101 6.34 21.73 11.12
C ALA A 101 5.88 21.31 12.53
N TRP A 102 6.42 20.21 13.06
CA TRP A 102 6.14 19.77 14.46
C TRP A 102 6.63 20.86 15.41
N GLN A 103 7.84 21.37 15.20
CA GLN A 103 8.46 22.37 16.12
C GLN A 103 7.59 23.64 16.12
N LYS A 104 6.93 23.93 15.00
CA LYS A 104 6.05 25.12 14.83
C LYS A 104 4.68 24.88 15.47
N GLY A 105 4.36 23.62 15.79
CA GLY A 105 3.10 23.23 16.47
C GLY A 105 2.00 22.82 15.48
N LEU A 106 2.32 22.32 14.29
CA LEU A 106 1.31 21.77 13.35
C LEU A 106 1.02 20.30 13.74
N TYR A 107 -0.22 19.87 13.57
CA TYR A 107 -0.68 18.49 13.83
C TYR A 107 -0.45 17.67 12.56
N LEU A 108 0.46 16.70 12.64
CA LEU A 108 1.02 16.00 11.47
C LEU A 108 0.64 14.52 11.52
N VAL A 109 0.14 14.00 10.40
CA VAL A 109 -0.19 12.56 10.27
C VAL A 109 0.48 12.01 9.02
N ASN A 110 1.29 10.97 9.24
CA ASN A 110 2.01 10.15 8.23
C ASN A 110 1.01 9.15 7.62
N LEU A 111 0.75 9.23 6.31
CA LEU A 111 -0.06 8.24 5.58
C LEU A 111 0.86 7.27 4.81
N ASP A 112 0.38 6.05 4.58
CA ASP A 112 0.93 5.10 3.57
C ASP A 112 2.36 4.72 3.97
N GLU A 113 3.33 5.47 3.44
CA GLU A 113 4.78 5.16 3.48
C GLU A 113 5.33 5.64 4.83
N LYS A 114 5.96 4.79 5.61
CA LYS A 114 6.40 5.23 6.96
C LYS A 114 7.62 6.15 6.84
N ILE A 115 7.51 7.39 7.32
CA ILE A 115 8.69 8.28 7.48
C ILE A 115 9.70 7.60 8.39
N ASP A 116 11.00 7.86 8.16
CA ASP A 116 12.09 7.32 9.02
C ASP A 116 12.03 8.04 10.36
N MET A 117 11.49 7.33 11.38
CA MET A 117 11.17 7.93 12.70
C MET A 117 12.46 8.10 13.52
N ASP A 118 13.49 7.29 13.27
CA ASP A 118 14.85 7.54 13.84
C ASP A 118 15.30 8.93 13.39
N ASN A 119 15.22 9.19 12.09
CA ASN A 119 15.73 10.47 11.50
C ASN A 119 14.87 11.64 11.98
N LEU A 120 13.56 11.42 12.07
CA LEU A 120 12.60 12.48 12.48
C LEU A 120 12.91 12.87 13.93
N LYS A 121 13.16 11.90 14.81
CA LYS A 121 13.48 12.23 16.22
C LYS A 121 14.86 12.91 16.27
N LYS A 122 15.82 12.43 15.49
CA LYS A 122 17.19 13.02 15.41
C LYS A 122 17.11 14.49 14.97
N ALA A 123 16.09 14.84 14.19
CA ALA A 123 15.83 16.21 13.65
C ALA A 123 15.00 17.05 14.65
N GLY A 124 14.55 16.40 15.73
CA GLY A 124 13.77 17.05 16.80
C GLY A 124 12.32 17.26 16.38
N GLY A 125 11.74 16.27 15.70
CA GLY A 125 10.31 16.25 15.30
C GLY A 125 9.57 15.01 15.79
N ASN A 126 8.25 15.01 15.57
CA ASN A 126 7.37 13.83 15.78
C ASN A 126 6.14 13.97 14.90
N VAL A 127 5.33 12.92 14.84
CA VAL A 127 3.98 12.97 14.18
C VAL A 127 2.92 12.46 15.17
N GLU A 128 1.70 12.97 15.03
CA GLU A 128 0.54 12.57 15.87
C GLU A 128 0.27 11.08 15.64
N GLY A 129 0.47 10.61 14.42
CA GLY A 129 0.05 9.25 14.06
C GLY A 129 0.56 8.81 12.70
N PHE A 130 0.46 7.50 12.46
CA PHE A 130 0.77 6.81 11.19
C PHE A 130 -0.42 5.93 10.81
N VAL A 131 -0.95 6.12 9.61
CA VAL A 131 -2.06 5.29 9.05
C VAL A 131 -1.55 4.58 7.80
N THR A 132 -1.66 3.24 7.76
CA THR A 132 -1.04 2.42 6.70
C THR A 132 -1.78 1.09 6.55
N THR A 133 -1.41 0.37 5.50
CA THR A 133 -1.73 -1.06 5.32
C THR A 133 -0.50 -1.86 5.70
N ASP A 134 -0.69 -2.94 6.44
CA ASP A 134 0.38 -3.90 6.82
C ASP A 134 0.63 -4.86 5.65
N ASN A 135 1.73 -4.64 4.94
CA ASN A 135 2.07 -5.41 3.70
C ASN A 135 2.39 -6.86 4.06
N VAL A 136 2.83 -7.15 5.30
CA VAL A 136 3.04 -8.56 5.76
C VAL A 136 1.68 -9.27 5.78
N ALA A 137 0.66 -8.64 6.38
CA ALA A 137 -0.70 -9.20 6.49
C ALA A 137 -1.32 -9.30 5.09
N VAL A 138 -0.93 -8.42 4.17
CA VAL A 138 -1.45 -8.44 2.77
C VAL A 138 -1.01 -9.76 2.09
N GLY A 139 0.28 -10.06 2.16
CA GLY A 139 0.85 -11.31 1.61
C GLY A 139 0.30 -12.53 2.33
N ALA A 140 0.15 -12.46 3.65
CA ALA A 140 -0.45 -13.58 4.41
C ALA A 140 -1.92 -13.78 3.99
N LYS A 141 -2.66 -12.70 3.71
CA LYS A 141 -4.09 -12.78 3.30
C LYS A 141 -4.19 -13.49 1.94
N GLY A 142 -3.29 -13.14 1.01
CA GLY A 142 -3.23 -13.77 -0.34
C GLY A 142 -2.90 -15.25 -0.25
N ALA A 143 -1.90 -15.60 0.56
CA ALA A 143 -1.48 -17.01 0.82
C ALA A 143 -2.64 -17.77 1.47
N ASP A 144 -3.25 -17.18 2.51
CA ASP A 144 -4.30 -17.84 3.33
C ASP A 144 -5.49 -18.15 2.41
N PHE A 145 -5.85 -17.24 1.50
CA PHE A 145 -6.94 -17.48 0.52
C PHE A 145 -6.64 -18.76 -0.28
N ILE A 146 -5.40 -18.87 -0.78
CA ILE A 146 -4.93 -20.04 -1.58
C ILE A 146 -5.01 -21.29 -0.70
N ILE A 147 -4.44 -21.24 0.50
CA ILE A 147 -4.42 -22.39 1.44
C ILE A 147 -5.87 -22.87 1.65
N ASN A 148 -6.79 -21.95 1.93
CA ASN A 148 -8.23 -22.25 2.17
C ASN A 148 -8.84 -22.84 0.88
N LYS A 149 -8.47 -22.35 -0.29
CA LYS A 149 -9.03 -22.86 -1.57
C LYS A 149 -8.54 -24.29 -1.83
N LEU A 150 -7.30 -24.61 -1.46
CA LEU A 150 -6.70 -25.93 -1.80
C LEU A 150 -7.12 -26.98 -0.76
N GLY A 151 -7.54 -26.55 0.43
CA GLY A 151 -8.12 -27.44 1.45
C GLY A 151 -7.12 -28.46 1.95
N ALA A 152 -7.60 -29.62 2.41
CA ALA A 152 -6.81 -30.65 3.11
C ALA A 152 -5.60 -31.06 2.24
N GLU A 153 -5.82 -31.24 0.95
CA GLU A 153 -4.85 -31.89 0.03
C GLU A 153 -3.71 -30.92 -0.28
N GLY A 154 -3.98 -29.62 -0.18
CA GLY A 154 -3.00 -28.55 -0.43
C GLY A 154 -2.46 -28.64 -1.84
N GLY A 155 -1.13 -28.62 -1.94
CA GLY A 155 -0.40 -28.81 -3.21
C GLY A 155 0.60 -27.70 -3.47
N GLU A 156 0.99 -27.56 -4.73
CA GLU A 156 2.15 -26.74 -5.15
C GLU A 156 1.67 -25.31 -5.40
N VAL A 157 2.41 -24.38 -4.81
CA VAL A 157 2.16 -22.93 -5.00
C VAL A 157 3.50 -22.26 -5.34
N ALA A 158 3.40 -21.10 -5.96
CA ALA A 158 4.56 -20.26 -6.35
C ALA A 158 4.25 -18.79 -6.04
N ILE A 159 5.30 -18.03 -5.76
CA ILE A 159 5.19 -16.57 -5.49
C ILE A 159 5.92 -15.85 -6.63
N ILE A 160 5.24 -14.88 -7.24
CA ILE A 160 5.86 -13.95 -8.22
C ILE A 160 6.17 -12.64 -7.49
N GLU A 161 7.45 -12.42 -7.22
CA GLU A 161 7.96 -11.36 -6.31
C GLU A 161 8.08 -10.04 -7.07
N GLY A 162 8.15 -8.94 -6.33
CA GLY A 162 8.54 -7.62 -6.86
C GLY A 162 10.05 -7.52 -7.03
N LYS A 163 10.54 -6.32 -7.30
CA LYS A 163 11.99 -6.04 -7.46
C LYS A 163 12.65 -6.18 -6.08
N ALA A 164 13.77 -6.89 -6.01
CA ALA A 164 14.60 -7.02 -4.79
C ALA A 164 14.80 -5.64 -4.12
N GLY A 165 14.77 -5.61 -2.78
CA GLY A 165 15.07 -4.41 -1.97
C GLY A 165 13.88 -3.48 -1.82
N ASN A 166 12.76 -3.75 -2.50
CA ASN A 166 11.47 -3.06 -2.27
C ASN A 166 10.84 -3.57 -0.96
N ALA A 167 10.66 -2.68 0.01
CA ALA A 167 10.23 -3.04 1.39
C ALA A 167 8.79 -3.58 1.36
N SER A 168 7.89 -2.94 0.61
CA SER A 168 6.51 -3.42 0.36
C SER A 168 6.55 -4.81 -0.26
N GLY A 169 7.23 -4.97 -1.40
CA GLY A 169 7.37 -6.26 -2.08
C GLY A 169 7.88 -7.33 -1.14
N GLU A 170 8.89 -7.00 -0.33
CA GLU A 170 9.58 -7.97 0.57
C GLU A 170 8.63 -8.36 1.70
N ALA A 171 7.90 -7.38 2.25
CA ALA A 171 6.86 -7.61 3.27
C ALA A 171 5.78 -8.58 2.73
N ARG A 172 5.28 -8.38 1.50
CA ARG A 172 4.27 -9.28 0.89
C ARG A 172 4.85 -10.67 0.73
N ARG A 173 6.10 -10.76 0.24
CA ARG A 173 6.76 -12.07 0.05
C ARG A 173 6.90 -12.76 1.41
N ASN A 174 7.28 -12.02 2.45
CA ASN A 174 7.51 -12.59 3.80
C ASN A 174 6.18 -13.12 4.36
N GLY A 175 5.13 -12.30 4.26
CA GLY A 175 3.79 -12.65 4.76
C GLY A 175 3.30 -13.93 4.13
N ALA A 176 3.35 -14.02 2.80
CA ALA A 176 2.86 -15.18 2.01
C ALA A 176 3.71 -16.41 2.31
N THR A 177 5.03 -16.24 2.36
CA THR A 177 5.98 -17.36 2.57
C THR A 177 5.71 -17.94 3.97
N GLU A 178 5.55 -17.07 4.98
CA GLU A 178 5.33 -17.50 6.39
C GLU A 178 4.02 -18.28 6.50
N ALA A 179 2.96 -17.78 5.85
CA ALA A 179 1.62 -18.40 5.85
C ALA A 179 1.70 -19.79 5.20
N PHE A 180 2.44 -19.93 4.09
CA PHE A 180 2.60 -21.22 3.37
C PHE A 180 3.39 -22.20 4.26
N LYS A 181 4.48 -21.73 4.86
CA LYS A 181 5.38 -22.57 5.70
C LYS A 181 4.56 -23.28 6.80
N LYS A 182 3.52 -22.61 7.31
CA LYS A 182 2.71 -23.10 8.47
C LYS A 182 1.65 -24.11 8.02
N ALA A 183 1.37 -24.23 6.72
CA ALA A 183 0.51 -25.32 6.17
C ALA A 183 1.40 -26.44 5.60
N ASN A 184 1.50 -27.56 6.33
CA ASN A 184 2.33 -28.74 5.95
C ASN A 184 1.91 -29.26 4.58
N GLN A 185 0.64 -29.07 4.22
CA GLN A 185 0.04 -29.64 2.98
C GLN A 185 0.42 -28.76 1.77
N ILE A 186 1.00 -27.58 2.01
CA ILE A 186 1.49 -26.67 0.95
C ILE A 186 2.97 -26.96 0.66
N LYS A 187 3.31 -27.02 -0.62
CA LYS A 187 4.71 -27.00 -1.10
C LYS A 187 4.94 -25.73 -1.93
N LEU A 188 5.79 -24.83 -1.42
CA LEU A 188 6.27 -23.63 -2.16
C LEU A 188 7.41 -24.04 -3.09
N VAL A 189 7.10 -24.21 -4.38
CA VAL A 189 8.00 -24.88 -5.36
C VAL A 189 8.89 -23.83 -6.03
N ALA A 190 8.48 -22.56 -5.99
CA ALA A 190 9.15 -21.45 -6.71
C ALA A 190 8.76 -20.12 -6.08
N SER A 191 9.75 -19.23 -5.93
CA SER A 191 9.56 -17.82 -5.49
C SER A 191 10.57 -16.95 -6.28
N GLN A 192 10.11 -16.29 -7.35
CA GLN A 192 10.99 -15.63 -8.35
C GLN A 192 10.49 -14.22 -8.65
N PRO A 193 11.43 -13.26 -8.78
CA PRO A 193 11.09 -11.87 -9.06
C PRO A 193 10.68 -11.67 -10.53
N ALA A 194 9.67 -10.84 -10.77
CA ALA A 194 9.33 -10.29 -12.10
C ALA A 194 9.34 -8.76 -12.02
N ASP A 195 9.90 -8.20 -10.93
CA ASP A 195 10.33 -6.79 -10.83
C ASP A 195 9.22 -5.85 -11.30
N TRP A 196 7.98 -6.10 -10.85
CA TRP A 196 6.82 -5.19 -11.00
C TRP A 196 6.43 -5.08 -12.47
N ASP A 197 6.96 -5.96 -13.32
CA ASP A 197 6.79 -5.86 -14.80
C ASP A 197 5.80 -6.93 -15.24
N ARG A 198 4.78 -6.54 -16.01
CA ARG A 198 3.72 -7.44 -16.53
C ARG A 198 4.32 -8.53 -17.44
N ILE A 199 5.14 -8.13 -18.41
CA ILE A 199 5.68 -9.07 -19.43
C ILE A 199 6.76 -9.95 -18.78
N LYS A 200 7.54 -9.43 -17.83
CA LYS A 200 8.52 -10.28 -17.08
C LYS A 200 7.74 -11.31 -16.26
N ALA A 201 6.62 -10.90 -15.65
CA ALA A 201 5.77 -11.82 -14.88
C ALA A 201 5.18 -12.88 -15.82
N LEU A 202 4.71 -12.47 -17.01
CA LEU A 202 4.21 -13.44 -18.03
C LEU A 202 5.30 -14.49 -18.27
N ASP A 203 6.54 -14.04 -18.46
CA ASP A 203 7.68 -14.93 -18.79
C ASP A 203 8.01 -15.80 -17.57
N VAL A 204 8.14 -15.19 -16.38
CA VAL A 204 8.54 -15.96 -15.18
C VAL A 204 7.47 -17.03 -14.91
N ALA A 205 6.19 -16.68 -15.04
CA ALA A 205 5.08 -17.60 -14.72
C ALA A 205 5.03 -18.74 -15.76
N THR A 206 5.25 -18.41 -17.04
CA THR A 206 5.29 -19.43 -18.12
C THR A 206 6.32 -20.49 -17.75
N ASN A 207 7.48 -20.06 -17.27
CA ASN A 207 8.61 -20.97 -16.96
C ASN A 207 8.29 -21.80 -15.70
N VAL A 208 7.69 -21.19 -14.68
CA VAL A 208 7.26 -21.94 -13.46
C VAL A 208 6.24 -23.00 -13.87
N LEU A 209 5.27 -22.66 -14.73
CA LEU A 209 4.23 -23.62 -15.17
C LEU A 209 4.93 -24.78 -15.91
N GLN A 210 5.92 -24.48 -16.75
CA GLN A 210 6.64 -25.50 -17.57
C GLN A 210 7.39 -26.44 -16.62
N ARG A 211 7.98 -25.89 -15.56
CA ARG A 211 8.79 -26.70 -14.61
C ARG A 211 7.88 -27.45 -13.64
N ASN A 212 6.62 -27.03 -13.48
CA ASN A 212 5.74 -27.55 -12.41
C ASN A 212 4.36 -27.88 -12.99
N PRO A 213 4.21 -28.99 -13.73
CA PRO A 213 2.94 -29.30 -14.39
C PRO A 213 1.77 -29.48 -13.40
N ASN A 214 2.07 -29.61 -12.11
CA ASN A 214 1.06 -29.88 -11.05
C ASN A 214 0.83 -28.64 -10.17
N LEU A 215 1.40 -27.50 -10.57
CA LEU A 215 1.18 -26.22 -9.83
C LEU A 215 -0.32 -25.99 -9.62
N LYS A 216 -0.71 -25.52 -8.43
CA LYS A 216 -2.13 -25.24 -8.12
C LYS A 216 -2.35 -23.73 -7.95
N ALA A 217 -1.32 -22.93 -7.69
CA ALA A 217 -1.57 -21.49 -7.47
C ALA A 217 -0.32 -20.65 -7.60
N PHE A 218 -0.56 -19.38 -7.93
CA PHE A 218 0.38 -18.25 -7.84
C PHE A 218 -0.21 -17.21 -6.89
N TYR A 219 0.61 -16.73 -5.96
CA TYR A 219 0.48 -15.40 -5.32
C TYR A 219 1.49 -14.45 -5.97
N CYS A 220 1.00 -13.26 -6.32
CA CYS A 220 1.72 -12.22 -7.09
C CYS A 220 1.71 -10.92 -6.30
N ALA A 221 2.90 -10.35 -6.08
CA ALA A 221 3.11 -9.25 -5.12
C ALA A 221 2.51 -7.94 -5.64
N ASN A 222 2.03 -7.89 -6.89
CA ASN A 222 1.15 -6.78 -7.33
C ASN A 222 0.37 -7.20 -8.58
N ASP A 223 -0.61 -6.37 -8.95
CA ASP A 223 -1.66 -6.73 -9.94
C ASP A 223 -1.04 -6.62 -11.35
N THR A 224 -0.12 -5.69 -11.55
CA THR A 224 0.56 -5.51 -12.85
C THR A 224 1.23 -6.84 -13.20
N MET A 225 1.88 -7.45 -12.22
CA MET A 225 2.52 -8.78 -12.38
C MET A 225 1.44 -9.87 -12.45
N ALA A 226 0.43 -9.82 -11.58
CA ALA A 226 -0.64 -10.83 -11.51
C ALA A 226 -1.32 -10.95 -12.89
N MET A 227 -1.53 -9.84 -13.58
CA MET A 227 -2.25 -9.87 -14.88
C MET A 227 -1.37 -10.57 -15.94
N GLY A 228 -0.06 -10.44 -15.84
CA GLY A 228 0.89 -11.21 -16.66
C GLY A 228 0.81 -12.70 -16.35
N VAL A 229 0.73 -13.03 -15.07
CA VAL A 229 0.65 -14.44 -14.59
C VAL A 229 -0.68 -15.02 -15.09
N ALA A 230 -1.74 -14.23 -15.11
CA ALA A 230 -3.08 -14.66 -15.59
C ALA A 230 -2.97 -15.07 -17.06
N GLN A 231 -2.28 -14.25 -17.86
CA GLN A 231 -2.02 -14.55 -19.29
C GLN A 231 -1.25 -15.88 -19.41
N ALA A 232 -0.25 -16.10 -18.58
CA ALA A 232 0.60 -17.32 -18.65
C ALA A 232 -0.26 -18.54 -18.32
N VAL A 233 -1.17 -18.40 -17.36
CA VAL A 233 -2.08 -19.51 -16.94
C VAL A 233 -3.06 -19.77 -18.08
N ALA A 234 -3.59 -18.71 -18.69
CA ALA A 234 -4.52 -18.82 -19.84
C ALA A 234 -3.80 -19.55 -21.01
N ASN A 235 -2.57 -19.15 -21.31
CA ASN A 235 -1.80 -19.72 -22.43
C ASN A 235 -1.55 -21.21 -22.19
N ALA A 236 -1.27 -21.60 -20.93
CA ALA A 236 -0.97 -22.99 -20.52
C ALA A 236 -2.26 -23.83 -20.43
N GLY A 237 -3.42 -23.22 -20.73
CA GLY A 237 -4.75 -23.86 -20.67
C GLY A 237 -5.18 -24.21 -19.25
N LYS A 238 -4.72 -23.43 -18.27
CA LYS A 238 -4.84 -23.78 -16.82
C LYS A 238 -5.84 -22.85 -16.11
N ILE A 239 -6.73 -22.20 -16.85
CA ILE A 239 -7.76 -21.35 -16.19
C ILE A 239 -8.61 -22.27 -15.30
N GLY A 240 -8.72 -21.89 -14.03
CA GLY A 240 -9.51 -22.62 -13.03
C GLY A 240 -8.72 -23.74 -12.38
N LYS A 241 -7.54 -24.10 -12.91
CA LYS A 241 -6.74 -25.23 -12.35
C LYS A 241 -5.54 -24.66 -11.61
N VAL A 242 -5.04 -23.54 -12.08
CA VAL A 242 -3.99 -22.76 -11.36
C VAL A 242 -4.63 -21.46 -10.88
N LEU A 243 -4.73 -21.27 -9.56
CA LEU A 243 -5.30 -20.01 -9.01
C LEU A 243 -4.30 -18.88 -9.27
N VAL A 244 -4.80 -17.66 -9.46
CA VAL A 244 -3.92 -16.48 -9.62
C VAL A 244 -4.45 -15.39 -8.70
N VAL A 245 -3.65 -15.04 -7.69
CA VAL A 245 -4.03 -14.02 -6.68
C VAL A 245 -3.09 -12.82 -6.84
N GLY A 246 -3.67 -11.66 -7.13
CA GLY A 246 -2.96 -10.38 -7.21
C GLY A 246 -2.90 -9.65 -5.89
N THR A 247 -2.35 -8.44 -5.93
CA THR A 247 -2.35 -7.46 -4.82
C THR A 247 -2.54 -6.05 -5.40
N ASP A 248 -3.49 -5.30 -4.84
CA ASP A 248 -3.65 -3.81 -4.97
C ASP A 248 -5.13 -3.52 -5.23
N GLY A 249 -5.77 -4.31 -6.08
CA GLY A 249 -7.19 -4.12 -6.43
C GLY A 249 -7.35 -3.06 -7.51
N ILE A 250 -6.40 -2.98 -8.44
CA ILE A 250 -6.47 -1.98 -9.55
C ILE A 250 -7.57 -2.40 -10.49
N PRO A 251 -8.17 -1.44 -11.23
CA PRO A 251 -9.38 -1.69 -12.02
C PRO A 251 -9.29 -2.90 -12.96
N GLU A 252 -8.20 -3.02 -13.73
CA GLU A 252 -8.04 -4.12 -14.72
C GLU A 252 -8.03 -5.47 -13.96
N ALA A 253 -7.39 -5.55 -12.79
CA ALA A 253 -7.29 -6.81 -12.00
C ALA A 253 -8.70 -7.23 -11.55
N ARG A 254 -9.48 -6.27 -11.04
CA ARG A 254 -10.89 -6.50 -10.60
C ARG A 254 -11.72 -7.00 -11.79
N LYS A 255 -11.53 -6.44 -12.99
CA LYS A 255 -12.24 -6.88 -14.22
C LYS A 255 -11.90 -8.35 -14.48
N MET A 256 -10.61 -8.70 -14.35
CA MET A 256 -10.10 -10.07 -14.58
C MET A 256 -10.69 -11.00 -13.53
N VAL A 257 -10.74 -10.55 -12.28
CA VAL A 257 -11.42 -11.33 -11.19
C VAL A 257 -12.89 -11.54 -11.60
N GLU A 258 -13.56 -10.48 -12.07
CA GLU A 258 -15.01 -10.55 -12.43
C GLU A 258 -15.19 -11.59 -13.54
N ALA A 259 -14.25 -11.65 -14.48
CA ALA A 259 -14.33 -12.47 -15.72
C ALA A 259 -13.80 -13.89 -15.46
N GLY A 260 -13.33 -14.18 -14.25
CA GLY A 260 -12.77 -15.49 -13.89
C GLY A 260 -11.41 -15.73 -14.54
N GLN A 261 -10.66 -14.67 -14.86
CA GLN A 261 -9.31 -14.78 -15.46
C GLN A 261 -8.25 -14.72 -14.36
N MET A 262 -8.50 -13.95 -13.30
CA MET A 262 -7.73 -14.05 -12.04
C MET A 262 -8.69 -14.58 -10.99
N THR A 263 -8.19 -15.30 -10.00
CA THR A 263 -9.04 -15.84 -8.92
C THR A 263 -9.42 -14.72 -7.96
N ALA A 264 -8.47 -13.86 -7.60
CA ALA A 264 -8.63 -12.90 -6.49
C ALA A 264 -7.54 -11.85 -6.57
N THR A 265 -7.76 -10.70 -5.96
CA THR A 265 -6.69 -9.73 -5.63
C THR A 265 -6.89 -9.24 -4.20
N VAL A 266 -5.80 -9.10 -3.45
CA VAL A 266 -5.83 -8.44 -2.12
C VAL A 266 -5.78 -6.92 -2.32
N ALA A 267 -6.92 -6.26 -2.19
CA ALA A 267 -7.13 -4.82 -2.50
C ALA A 267 -6.70 -3.99 -1.29
N GLN A 268 -6.04 -2.87 -1.54
CA GLN A 268 -5.82 -1.85 -0.50
C GLN A 268 -7.08 -0.97 -0.40
N ASN A 269 -7.17 -0.20 0.66
CA ASN A 269 -8.30 0.70 0.90
C ASN A 269 -7.77 2.10 1.14
N PRO A 270 -7.27 2.74 0.06
CA PRO A 270 -6.71 4.08 0.13
C PRO A 270 -7.70 5.13 0.64
N ALA A 271 -8.97 5.01 0.22
CA ALA A 271 -10.09 5.86 0.68
C ALA A 271 -10.10 5.90 2.21
N ASP A 272 -9.96 4.75 2.87
CA ASP A 272 -10.05 4.67 4.34
C ASP A 272 -8.69 5.00 4.98
N ILE A 273 -7.57 4.79 4.29
CA ILE A 273 -6.25 5.31 4.78
C ILE A 273 -6.35 6.84 4.86
N GLY A 274 -6.92 7.47 3.84
CA GLY A 274 -7.10 8.92 3.77
C GLY A 274 -8.08 9.42 4.83
N ALA A 275 -9.25 8.79 4.94
CA ALA A 275 -10.32 9.20 5.88
C ALA A 275 -9.81 9.08 7.33
N THR A 276 -9.17 7.94 7.63
CA THR A 276 -8.64 7.64 8.99
C THR A 276 -7.56 8.67 9.32
N GLY A 277 -6.69 8.95 8.36
CA GLY A 277 -5.58 9.91 8.54
C GLY A 277 -6.12 11.28 8.86
N LEU A 278 -7.15 11.74 8.15
CA LEU A 278 -7.74 13.08 8.39
C LEU A 278 -8.39 13.10 9.77
N LYS A 279 -9.14 12.05 10.08
CA LYS A 279 -9.88 11.96 11.36
C LYS A 279 -8.86 12.02 12.50
N LEU A 280 -7.72 11.32 12.35
CA LEU A 280 -6.68 11.23 13.41
C LEU A 280 -6.06 12.62 13.62
N MET A 281 -5.89 13.35 12.53
CA MET A 281 -5.30 14.72 12.51
C MET A 281 -6.28 15.69 13.19
N VAL A 282 -7.56 15.63 12.85
CA VAL A 282 -8.61 16.53 13.43
C VAL A 282 -8.74 16.25 14.93
N ASP A 283 -8.70 14.97 15.32
CA ASP A 283 -8.89 14.54 16.74
C ASP A 283 -7.68 15.03 17.55
N ALA A 284 -6.47 14.99 17.00
CA ALA A 284 -5.25 15.47 17.69
C ALA A 284 -5.33 17.00 17.82
N ALA A 285 -5.81 17.67 16.77
CA ALA A 285 -5.91 19.16 16.72
C ALA A 285 -6.85 19.65 17.83
N LYS A 286 -7.91 18.89 18.08
CA LYS A 286 -8.98 19.24 19.06
C LYS A 286 -8.38 19.23 20.47
N THR A 287 -7.34 18.43 20.75
CA THR A 287 -6.64 18.44 22.07
C THR A 287 -5.87 19.76 22.26
N GLY A 288 -5.57 20.48 21.18
CA GLY A 288 -4.85 21.76 21.21
C GLY A 288 -3.44 21.64 21.79
N LYS A 289 -2.84 20.46 21.77
CA LYS A 289 -1.37 20.26 22.03
C LYS A 289 -0.83 19.17 21.08
N VAL A 290 0.25 19.44 20.35
CA VAL A 290 0.92 18.40 19.53
C VAL A 290 1.52 17.34 20.45
N ILE A 291 1.71 16.15 19.91
CA ILE A 291 2.31 14.98 20.60
C ILE A 291 3.68 15.39 21.13
N PRO A 292 4.05 14.98 22.36
CA PRO A 292 5.40 15.24 22.88
C PRO A 292 6.46 14.52 22.03
N LEU A 293 7.65 15.09 21.98
CA LEU A 293 8.80 14.53 21.23
C LEU A 293 8.92 13.04 21.55
N GLU A 294 8.77 12.67 22.83
CA GLU A 294 9.22 11.36 23.35
C GLU A 294 8.12 10.32 23.11
N LYS A 295 6.91 10.75 22.78
CA LYS A 295 5.73 9.86 22.80
C LYS A 295 5.62 9.11 21.48
N THR A 296 5.37 7.80 21.55
CA THR A 296 5.06 6.91 20.40
C THR A 296 3.82 7.46 19.72
N PRO A 297 3.88 7.82 18.42
CA PRO A 297 2.69 8.24 17.68
C PRO A 297 1.60 7.17 17.69
N GLU A 298 0.34 7.58 17.49
CA GLU A 298 -0.81 6.68 17.20
C GLU A 298 -0.47 5.81 15.99
N PHE A 299 -0.93 4.57 15.98
CA PHE A 299 -0.68 3.60 14.87
C PHE A 299 -2.02 2.99 14.45
N LYS A 300 -2.50 3.32 13.25
CA LYS A 300 -3.82 2.83 12.74
C LYS A 300 -3.56 2.01 11.48
N LEU A 301 -3.94 0.73 11.48
CA LEU A 301 -3.86 -0.15 10.30
C LEU A 301 -5.22 -0.13 9.62
N VAL A 302 -5.25 0.05 8.31
CA VAL A 302 -6.48 -0.17 7.50
C VAL A 302 -6.34 -1.54 6.82
N ASP A 303 -7.30 -2.40 7.09
CA ASP A 303 -7.34 -3.77 6.52
C ASP A 303 -7.37 -3.68 4.99
N SER A 304 -6.70 -4.64 4.36
CA SER A 304 -6.85 -5.00 2.94
C SER A 304 -8.12 -5.86 2.77
N ILE A 305 -8.69 -5.86 1.58
CA ILE A 305 -9.97 -6.53 1.26
C ILE A 305 -9.67 -7.63 0.23
N LEU A 306 -9.99 -8.87 0.52
CA LEU A 306 -9.87 -9.95 -0.48
C LEU A 306 -11.03 -9.80 -1.46
N VAL A 307 -10.74 -9.55 -2.75
CA VAL A 307 -11.77 -9.37 -3.81
C VAL A 307 -11.85 -10.67 -4.61
N THR A 308 -12.98 -11.36 -4.60
CA THR A 308 -13.18 -12.61 -5.37
C THR A 308 -14.36 -12.44 -6.34
N LYS A 309 -14.58 -13.44 -7.19
CA LYS A 309 -15.50 -13.35 -8.37
C LYS A 309 -16.83 -12.78 -7.88
C1 EDO B . -8.91 -18.35 -12.29
O1 EDO B . -9.00 -18.85 -10.96
C2 EDO B . -7.53 -18.41 -12.87
O2 EDO B . -7.01 -19.74 -12.95
#